data_1WB6
#
_entry.id   1WB6
#
_cell.length_a   64.994
_cell.length_b   108.462
_cell.length_c   113.026
_cell.angle_alpha   90.00
_cell.angle_beta   90.00
_cell.angle_gamma   90.00
#
_symmetry.space_group_name_H-M   'P 21 21 21'
#
loop_
_entity.id
_entity.type
_entity.pdbx_description
1 polymer 'ENDO-1,4-BETA-XYLANASE Y'
2 non-polymer 'METHYL VANILLATE'
3 non-polymer GLYCEROL
4 non-polymer 'ACETATE ION'
5 non-polymer 'CADMIUM ION'
6 water water
#
_entity_poly.entity_id   1
_entity_poly.type   'polypeptide(L)'
_entity_poly.pdbx_seq_one_letter_code
;MASDKFPVAENPSSSFKYESAVQYRPAPDSYLNPCPQAGRIVKETYTGINGTKSLNVYLPYGYDPNKKYNIFYLMHGGGE
NENTIFSNDVKLQNILDHAIMNGELEPLIVVTPTFNGGNCTAQNFYQEFRQNVIPFVESKYSTYAESTTPQGIAASRMHR
GFGGFAMGGLTTWYVMVNCLDYVAYFMPLSGDYWYGNSPQDKANSIAEAINRSGLSKREYFVFAATGSEDIAYANMNPQI
EAMKALPHFDYTSDFSKGNFYFLVAPGATHWWGYVRHYIYDALPYFFHELEHHHHHH
;
_entity_poly.pdbx_strand_id   A,B
#
loop_
_chem_comp.id
_chem_comp.type
_chem_comp.name
_chem_comp.formula
ACT non-polymer 'ACETATE ION' 'C2 H3 O2 -1'
CD non-polymer 'CADMIUM ION' 'Cd 2'
GOL non-polymer GLYCEROL 'C3 H8 O3'
VXX non-polymer 'METHYL VANILLATE' 'C9 H10 O4'
#
# COMPACT_ATOMS: atom_id res chain seq x y z
N SER A 15 -3.08 38.37 -9.10
CA SER A 15 -2.84 38.81 -7.71
C SER A 15 -1.68 37.97 -7.14
N PHE A 16 -1.83 36.66 -7.21
CA PHE A 16 -0.84 35.78 -6.54
C PHE A 16 0.55 35.86 -7.14
N LYS A 17 1.57 35.96 -6.25
CA LYS A 17 2.98 35.88 -6.66
C LYS A 17 3.68 34.89 -5.75
N TYR A 18 4.44 33.99 -6.33
CA TYR A 18 5.27 33.10 -5.50
C TYR A 18 6.28 33.87 -4.64
N GLU A 19 6.43 33.44 -3.38
N GLU A 19 6.43 33.44 -3.38
CA GLU A 19 7.56 33.79 -2.50
CA GLU A 19 7.57 33.79 -2.51
C GLU A 19 8.47 32.59 -2.42
C GLU A 19 8.48 32.59 -2.41
N SER A 20 9.77 32.78 -2.13
CA SER A 20 10.69 31.66 -2.06
C SER A 20 10.70 30.98 -0.69
N ALA A 21 10.25 31.66 0.35
CA ALA A 21 10.17 31.06 1.70
C ALA A 21 8.93 31.59 2.38
N VAL A 22 7.77 31.19 1.86
CA VAL A 22 6.53 31.68 2.38
C VAL A 22 6.39 31.33 3.90
N GLN A 23 5.86 32.30 4.64
CA GLN A 23 5.68 32.13 6.06
C GLN A 23 4.23 31.87 6.41
N TYR A 24 4.01 31.22 7.54
CA TYR A 24 2.69 30.95 8.05
C TYR A 24 1.93 32.23 8.32
N ARG A 25 0.70 32.30 7.85
CA ARG A 25 -0.19 33.43 8.09
C ARG A 25 -1.59 32.87 8.15
N PRO A 26 -2.30 32.96 9.26
CA PRO A 26 -3.69 32.50 9.26
C PRO A 26 -4.57 33.35 8.34
N ALA A 27 -5.62 32.74 7.82
CA ALA A 27 -6.66 33.53 7.17
C ALA A 27 -7.20 34.49 8.20
N PRO A 28 -7.64 35.67 7.73
CA PRO A 28 -8.33 36.58 8.66
C PRO A 28 -9.52 35.90 9.36
N ASP A 29 -9.88 36.32 10.58
CA ASP A 29 -10.99 35.72 11.28
C ASP A 29 -12.29 35.78 10.44
N SER A 30 -12.43 36.83 9.67
CA SER A 30 -13.63 37.01 8.84
C SER A 30 -13.79 35.90 7.77
N TYR A 31 -12.68 35.25 7.41
CA TYR A 31 -12.73 34.14 6.44
C TYR A 31 -13.36 32.90 7.02
N LEU A 32 -13.57 32.84 8.35
CA LEU A 32 -14.16 31.68 8.98
C LEU A 32 -15.68 31.75 9.04
N ASN A 33 -16.24 32.91 8.64
CA ASN A 33 -17.67 33.09 8.57
C ASN A 33 -18.16 32.93 7.12
N PRO A 34 -19.41 32.62 6.92
CA PRO A 34 -19.92 32.38 5.57
C PRO A 34 -19.72 33.54 4.63
N CYS A 35 -19.39 33.25 3.39
CA CYS A 35 -19.21 34.20 2.28
C CYS A 35 -20.46 34.19 1.44
N PRO A 36 -20.93 35.35 0.97
CA PRO A 36 -22.09 35.35 0.07
C PRO A 36 -21.81 34.64 -1.25
N GLN A 37 -20.58 34.57 -1.71
CA GLN A 37 -20.23 33.91 -2.97
C GLN A 37 -19.88 32.45 -2.63
N ALA A 38 -20.86 31.69 -2.19
CA ALA A 38 -20.61 30.37 -1.64
C ALA A 38 -20.59 29.30 -2.74
N GLY A 39 -19.51 28.54 -2.78
CA GLY A 39 -19.49 27.35 -3.59
C GLY A 39 -20.49 26.33 -3.15
N ARG A 40 -21.02 25.55 -4.07
CA ARG A 40 -21.93 24.45 -3.76
C ARG A 40 -21.18 23.24 -3.28
N ILE A 41 -21.66 22.62 -2.23
CA ILE A 41 -21.09 21.37 -1.71
C ILE A 41 -22.09 20.27 -1.98
N VAL A 42 -21.65 19.27 -2.74
CA VAL A 42 -22.50 18.17 -3.17
C VAL A 42 -22.07 16.87 -2.49
N LYS A 43 -22.98 16.24 -1.78
CA LYS A 43 -22.76 14.92 -1.16
C LYS A 43 -23.03 13.88 -2.23
N GLU A 44 -22.02 13.04 -2.46
CA GLU A 44 -22.08 12.00 -3.46
C GLU A 44 -21.93 10.65 -2.82
N THR A 45 -22.52 9.66 -3.47
CA THR A 45 -22.38 8.26 -3.09
C THR A 45 -22.05 7.43 -4.28
N TYR A 46 -21.05 6.57 -4.15
CA TYR A 46 -20.54 5.77 -5.26
C TYR A 46 -20.21 4.36 -4.72
N THR A 47 -20.00 3.41 -5.63
CA THR A 47 -19.56 2.06 -5.25
C THR A 47 -18.28 1.75 -5.96
N GLY A 48 -17.30 1.28 -5.21
CA GLY A 48 -15.98 0.98 -5.71
C GLY A 48 -15.47 -0.30 -5.05
N ILE A 49 -14.16 -0.42 -5.04
CA ILE A 49 -13.51 -1.67 -4.54
C ILE A 49 -13.66 -1.86 -3.04
N ASN A 50 -14.03 -0.78 -2.29
CA ASN A 50 -14.32 -0.86 -0.86
C ASN A 50 -15.80 -0.68 -0.53
N GLY A 51 -16.63 -0.98 -1.52
CA GLY A 51 -18.08 -0.93 -1.33
C GLY A 51 -18.66 0.45 -1.59
N THR A 52 -19.86 0.63 -1.10
CA THR A 52 -20.57 1.87 -1.29
C THR A 52 -20.12 2.86 -0.22
N LYS A 53 -19.67 4.04 -0.69
CA LYS A 53 -19.07 5.05 0.16
C LYS A 53 -19.52 6.40 -0.33
N SER A 54 -19.24 7.43 0.45
CA SER A 54 -19.64 8.80 0.10
C SER A 54 -18.41 9.72 0.16
N LEU A 55 -18.59 10.86 -0.47
CA LEU A 55 -17.65 11.96 -0.46
C LEU A 55 -18.41 13.26 -0.64
N ASN A 56 -17.73 14.38 -0.41
CA ASN A 56 -18.27 15.68 -0.75
C ASN A 56 -17.45 16.31 -1.85
N VAL A 57 -18.13 17.05 -2.73
CA VAL A 57 -17.50 17.83 -3.77
C VAL A 57 -17.84 19.30 -3.56
N TYR A 58 -16.83 20.13 -3.35
CA TYR A 58 -16.94 21.59 -3.35
C TYR A 58 -16.73 22.06 -4.77
N LEU A 59 -17.73 22.78 -5.29
CA LEU A 59 -17.66 23.43 -6.58
C LEU A 59 -17.51 24.92 -6.35
N PRO A 60 -16.63 25.59 -7.07
CA PRO A 60 -16.41 27.01 -6.83
C PRO A 60 -17.67 27.81 -7.20
N TYR A 61 -17.83 28.95 -6.57
CA TYR A 61 -18.90 29.88 -6.95
C TYR A 61 -18.75 30.25 -8.40
N GLY A 62 -19.84 30.17 -9.11
CA GLY A 62 -19.79 30.44 -10.56
C GLY A 62 -19.36 29.24 -11.42
N TYR A 63 -19.25 28.07 -10.81
CA TYR A 63 -18.85 26.86 -11.52
C TYR A 63 -19.59 26.76 -12.85
N ASP A 64 -18.80 26.56 -13.88
CA ASP A 64 -19.29 26.49 -15.27
C ASP A 64 -18.72 25.19 -15.86
N PRO A 65 -19.55 24.17 -16.11
CA PRO A 65 -19.06 22.88 -16.64
C PRO A 65 -18.46 22.96 -18.02
N ASN A 66 -18.58 24.10 -18.70
CA ASN A 66 -17.87 24.29 -19.96
C ASN A 66 -16.52 24.93 -19.84
N LYS A 67 -16.09 25.16 -18.59
CA LYS A 67 -14.71 25.55 -18.26
C LYS A 67 -14.02 24.39 -17.63
N LYS A 68 -12.72 24.43 -17.52
CA LYS A 68 -11.93 23.37 -16.89
C LYS A 68 -11.34 23.86 -15.60
N TYR A 69 -11.48 23.07 -14.53
CA TYR A 69 -11.03 23.47 -13.18
C TYR A 69 -9.93 22.54 -12.68
N ASN A 70 -8.94 23.12 -12.00
CA ASN A 70 -8.05 22.35 -11.14
C ASN A 70 -8.88 21.54 -10.15
N ILE A 71 -8.33 20.44 -9.68
CA ILE A 71 -9.00 19.63 -8.67
C ILE A 71 -8.02 19.20 -7.61
N PHE A 72 -8.45 19.33 -6.35
CA PHE A 72 -7.66 19.01 -5.17
C PHE A 72 -8.47 18.07 -4.29
N TYR A 73 -7.95 16.87 -4.04
CA TYR A 73 -8.53 15.91 -3.16
C TYR A 73 -7.87 16.01 -1.79
N LEU A 74 -8.67 16.01 -0.75
CA LEU A 74 -8.20 16.36 0.58
C LEU A 74 -8.77 15.38 1.61
N MET A 75 -7.87 14.66 2.28
CA MET A 75 -8.24 13.59 3.20
C MET A 75 -8.21 13.98 4.68
N HIS A 76 -9.25 13.55 5.37
CA HIS A 76 -9.41 13.72 6.82
C HIS A 76 -8.38 12.90 7.63
N GLY A 77 -8.43 13.08 8.93
CA GLY A 77 -7.55 12.35 9.82
C GLY A 77 -8.25 11.20 10.52
N GLY A 78 -7.53 10.57 11.43
CA GLY A 78 -8.10 9.46 12.14
C GLY A 78 -9.31 9.83 12.95
N GLY A 79 -10.30 8.93 12.92
CA GLY A 79 -11.51 9.15 13.65
C GLY A 79 -12.52 10.07 13.00
N GLU A 80 -12.16 10.56 11.82
CA GLU A 80 -12.97 11.54 11.09
C GLU A 80 -13.60 10.90 9.88
N ASN A 81 -14.28 11.69 9.05
N ASN A 81 -14.33 11.68 9.08
CA ASN A 81 -15.01 11.13 7.94
CA ASN A 81 -14.99 11.12 7.92
C ASN A 81 -15.08 12.16 6.80
C ASN A 81 -15.08 12.17 6.79
N GLU A 82 -15.74 11.80 5.71
CA GLU A 82 -15.86 12.62 4.50
C GLU A 82 -16.57 13.94 4.75
N ASN A 83 -17.28 14.06 5.85
CA ASN A 83 -18.01 15.28 6.21
C ASN A 83 -17.25 16.23 7.12
N THR A 84 -16.12 15.77 7.69
CA THR A 84 -15.47 16.57 8.71
C THR A 84 -15.01 17.94 8.23
N ILE A 85 -14.33 17.95 7.09
CA ILE A 85 -13.63 19.15 6.63
C ILE A 85 -14.60 20.31 6.32
N PHE A 86 -15.82 19.96 5.87
CA PHE A 86 -16.86 20.95 5.62
C PHE A 86 -17.88 21.08 6.75
N SER A 87 -17.58 20.46 7.87
CA SER A 87 -18.43 20.54 9.04
C SER A 87 -18.16 21.84 9.82
N ASN A 88 -19.00 22.08 10.82
CA ASN A 88 -18.76 23.24 11.69
C ASN A 88 -17.49 23.19 12.50
N ASP A 89 -16.86 22.02 12.59
CA ASP A 89 -15.61 21.89 13.33
C ASP A 89 -14.40 22.39 12.54
N VAL A 90 -14.56 22.62 11.23
CA VAL A 90 -13.44 23.01 10.39
C VAL A 90 -13.78 24.21 9.49
N LYS A 91 -14.88 24.12 8.76
CA LYS A 91 -15.40 25.24 7.99
C LYS A 91 -14.47 25.64 6.84
N LEU A 92 -13.79 24.67 6.24
CA LEU A 92 -12.82 25.00 5.18
C LEU A 92 -13.49 25.70 4.00
N GLN A 93 -14.75 25.36 3.72
CA GLN A 93 -15.47 25.99 2.59
C GLN A 93 -15.55 27.51 2.76
N ASN A 94 -15.60 28.01 3.99
CA ASN A 94 -15.66 29.45 4.18
C ASN A 94 -14.35 30.08 3.73
N ILE A 95 -13.23 29.48 4.10
CA ILE A 95 -11.92 29.93 3.68
C ILE A 95 -11.80 29.87 2.16
N LEU A 96 -12.18 28.73 1.57
CA LEU A 96 -12.14 28.62 0.11
C LEU A 96 -12.99 29.69 -0.57
N ASP A 97 -14.20 29.83 -0.09
CA ASP A 97 -15.08 30.81 -0.70
C ASP A 97 -14.48 32.20 -0.68
N HIS A 98 -14.03 32.64 0.48
CA HIS A 98 -13.51 33.98 0.59
C HIS A 98 -12.22 34.16 -0.21
N ALA A 99 -11.33 33.15 -0.20
CA ALA A 99 -10.10 33.27 -0.94
C ALA A 99 -10.35 33.36 -2.44
N ILE A 100 -11.27 32.57 -2.94
CA ILE A 100 -11.62 32.61 -4.36
C ILE A 100 -12.29 33.96 -4.71
N MET A 101 -13.21 34.41 -3.89
CA MET A 101 -13.89 35.69 -4.15
C MET A 101 -12.90 36.84 -4.19
N ASN A 102 -11.91 36.81 -3.30
CA ASN A 102 -10.93 37.90 -3.26
C ASN A 102 -9.80 37.76 -4.24
N GLY A 103 -9.73 36.66 -4.98
CA GLY A 103 -8.72 36.51 -6.04
C GLY A 103 -7.40 35.97 -5.58
N GLU A 104 -7.32 35.52 -4.34
CA GLU A 104 -6.14 34.93 -3.72
C GLU A 104 -5.90 33.50 -4.23
N LEU A 105 -6.98 32.82 -4.56
CA LEU A 105 -7.00 31.43 -4.98
C LEU A 105 -7.82 31.36 -6.24
N GLU A 106 -7.27 30.78 -7.28
CA GLU A 106 -8.03 30.57 -8.49
C GLU A 106 -9.11 29.52 -8.24
N PRO A 107 -10.29 29.64 -8.84
CA PRO A 107 -11.36 28.68 -8.58
C PRO A 107 -10.93 27.24 -8.91
N LEU A 108 -11.33 26.33 -8.04
CA LEU A 108 -11.03 24.92 -8.19
C LEU A 108 -12.08 24.10 -7.51
N ILE A 109 -12.09 22.82 -7.87
CA ILE A 109 -12.93 21.83 -7.24
C ILE A 109 -12.12 21.20 -6.10
N VAL A 110 -12.76 21.05 -4.94
CA VAL A 110 -12.12 20.41 -3.78
C VAL A 110 -13.00 19.25 -3.37
N VAL A 111 -12.38 18.08 -3.26
CA VAL A 111 -13.09 16.85 -2.94
C VAL A 111 -12.63 16.31 -1.61
N THR A 112 -13.57 15.95 -0.74
CA THR A 112 -13.25 15.37 0.56
C THR A 112 -13.79 13.95 0.64
N PRO A 113 -12.97 12.96 0.31
CA PRO A 113 -13.36 11.55 0.36
C PRO A 113 -13.09 10.99 1.75
N THR A 114 -13.12 9.66 1.88
CA THR A 114 -12.82 9.02 3.16
C THR A 114 -12.02 7.76 2.93
N PHE A 115 -11.15 7.47 3.89
CA PHE A 115 -10.48 6.18 3.98
C PHE A 115 -11.21 5.15 4.84
N ASN A 116 -12.41 5.49 5.31
CA ASN A 116 -13.26 4.52 5.99
C ASN A 116 -13.99 3.62 5.00
N GLY A 117 -14.46 2.46 5.48
CA GLY A 117 -15.38 1.63 4.73
C GLY A 117 -14.71 0.44 4.10
N GLY A 118 -15.41 -0.69 4.13
CA GLY A 118 -14.92 -1.88 3.46
C GLY A 118 -13.55 -2.28 3.94
N ASN A 119 -12.65 -2.55 3.02
CA ASN A 119 -11.26 -2.87 3.33
C ASN A 119 -10.39 -1.63 3.36
N CYS A 120 -10.98 -0.45 3.25
CA CYS A 120 -10.16 0.73 3.07
C CYS A 120 -9.43 1.12 4.33
N THR A 121 -8.20 1.59 4.13
CA THR A 121 -7.37 2.17 5.20
C THR A 121 -6.70 3.45 4.71
N ALA A 122 -6.15 4.22 5.63
CA ALA A 122 -5.39 5.40 5.26
C ALA A 122 -4.23 5.04 4.33
N GLN A 123 -3.61 3.87 4.54
CA GLN A 123 -2.52 3.38 3.76
C GLN A 123 -2.91 2.98 2.37
N ASN A 124 -4.03 2.26 2.21
CA ASN A 124 -4.39 1.63 0.96
C ASN A 124 -5.39 2.43 0.12
N PHE A 125 -5.83 3.60 0.62
CA PHE A 125 -6.87 4.35 -0.07
C PHE A 125 -6.50 4.68 -1.52
N TYR A 126 -5.22 4.87 -1.79
CA TYR A 126 -4.81 5.22 -3.13
C TYR A 126 -5.37 4.28 -4.19
N GLN A 127 -5.55 3.00 -3.85
CA GLN A 127 -6.07 2.03 -4.79
CA GLN A 127 -6.06 2.15 -4.93
C GLN A 127 -7.49 2.43 -5.29
N GLU A 128 -8.34 2.68 -4.33
CA GLU A 128 -9.71 3.14 -4.58
C GLU A 128 -9.71 4.51 -5.24
N PHE A 129 -8.79 5.37 -4.84
CA PHE A 129 -8.65 6.69 -5.45
C PHE A 129 -8.45 6.58 -6.95
N ARG A 130 -7.50 5.74 -7.35
CA ARG A 130 -7.16 5.56 -8.76
C ARG A 130 -8.33 4.96 -9.56
N GLN A 131 -8.93 3.88 -9.02
CA GLN A 131 -9.89 3.08 -9.79
C GLN A 131 -11.29 3.61 -9.78
N ASN A 132 -11.67 4.24 -8.65
CA ASN A 132 -13.06 4.58 -8.40
C ASN A 132 -13.31 6.06 -8.20
N VAL A 133 -12.55 6.72 -7.31
CA VAL A 133 -12.86 8.09 -6.97
C VAL A 133 -12.60 9.05 -8.14
N ILE A 134 -11.43 9.00 -8.75
CA ILE A 134 -11.15 9.89 -9.87
C ILE A 134 -12.18 9.70 -11.00
N PRO A 135 -12.41 8.46 -11.48
CA PRO A 135 -13.39 8.33 -12.57
C PRO A 135 -14.79 8.78 -12.16
N PHE A 136 -15.23 8.53 -10.93
CA PHE A 136 -16.55 8.94 -10.52
C PHE A 136 -16.65 10.47 -10.52
N VAL A 137 -15.75 11.13 -9.85
CA VAL A 137 -15.84 12.58 -9.69
C VAL A 137 -15.62 13.26 -11.04
N GLU A 138 -14.59 12.87 -11.73
CA GLU A 138 -14.13 13.61 -12.90
C GLU A 138 -14.87 13.27 -14.16
N SER A 139 -15.71 12.24 -14.11
CA SER A 139 -16.68 12.04 -15.20
C SER A 139 -17.89 12.93 -15.02
N LYS A 140 -18.18 13.35 -13.80
CA LYS A 140 -19.34 14.18 -13.48
C LYS A 140 -19.07 15.67 -13.59
N TYR A 141 -17.88 16.09 -13.15
CA TYR A 141 -17.50 17.46 -13.06
C TYR A 141 -16.36 17.79 -14.01
N SER A 142 -16.20 19.07 -14.28
CA SER A 142 -15.30 19.51 -15.32
C SER A 142 -13.92 19.88 -14.82
N THR A 143 -13.03 18.91 -14.96
CA THR A 143 -11.62 19.09 -14.67
C THR A 143 -10.84 19.19 -15.99
N TYR A 144 -9.52 19.09 -15.93
CA TYR A 144 -8.75 19.07 -17.16
C TYR A 144 -8.77 17.68 -17.82
N ALA A 145 -9.33 16.68 -17.16
CA ALA A 145 -9.43 15.33 -17.76
C ALA A 145 -10.48 15.36 -18.87
N GLU A 146 -10.06 15.17 -20.09
CA GLU A 146 -11.01 15.12 -21.19
C GLU A 146 -11.82 13.82 -21.19
N SER A 147 -11.22 12.77 -20.68
CA SER A 147 -11.88 11.53 -20.35
C SER A 147 -11.29 10.96 -19.08
N THR A 148 -11.93 9.96 -18.51
CA THR A 148 -11.46 9.34 -17.28
C THR A 148 -10.91 7.93 -17.46
N THR A 149 -10.47 7.64 -18.68
CA THR A 149 -9.59 6.49 -18.88
C THR A 149 -8.26 6.78 -18.19
N PRO A 150 -7.42 5.75 -17.92
CA PRO A 150 -6.09 6.01 -17.38
C PRO A 150 -5.31 7.04 -18.17
N GLN A 151 -5.40 6.98 -19.50
CA GLN A 151 -4.73 7.90 -20.36
C GLN A 151 -5.25 9.34 -20.15
N GLY A 152 -6.56 9.52 -20.05
CA GLY A 152 -7.13 10.84 -19.84
C GLY A 152 -6.79 11.43 -18.48
N ILE A 153 -6.71 10.58 -17.48
CA ILE A 153 -6.32 10.99 -16.13
C ILE A 153 -4.85 11.39 -16.13
N ALA A 154 -3.99 10.55 -16.69
CA ALA A 154 -2.57 10.86 -16.73
C ALA A 154 -2.25 12.13 -17.50
N ALA A 155 -3.01 12.36 -18.59
CA ALA A 155 -2.76 13.50 -19.41
C ALA A 155 -3.10 14.82 -18.74
N SER A 156 -3.89 14.76 -17.66
CA SER A 156 -4.32 15.96 -16.94
C SER A 156 -3.71 16.07 -15.54
N ARG A 157 -2.64 15.31 -15.30
CA ARG A 157 -2.02 15.21 -13.95
C ARG A 157 -1.49 16.54 -13.40
N MET A 158 -1.08 17.46 -14.27
CA MET A 158 -0.55 18.73 -13.79
C MET A 158 -1.63 19.61 -13.14
N HIS A 159 -2.88 19.20 -13.26
CA HIS A 159 -4.01 19.97 -12.74
C HIS A 159 -4.74 19.24 -11.67
N ARG A 160 -4.07 18.29 -11.02
CA ARG A 160 -4.66 17.42 -10.00
C ARG A 160 -3.71 17.38 -8.80
N GLY A 161 -4.29 17.53 -7.60
CA GLY A 161 -3.53 17.50 -6.36
C GLY A 161 -4.20 16.66 -5.32
N PHE A 162 -3.38 16.27 -4.33
CA PHE A 162 -3.82 15.47 -3.21
C PHE A 162 -3.17 15.99 -1.95
N GLY A 163 -3.95 16.12 -0.88
CA GLY A 163 -3.41 16.45 0.43
C GLY A 163 -4.25 15.83 1.51
N GLY A 164 -3.85 16.02 2.75
CA GLY A 164 -4.57 15.46 3.85
C GLY A 164 -3.87 15.67 5.17
N PHE A 165 -4.63 15.51 6.26
CA PHE A 165 -4.18 15.78 7.62
C PHE A 165 -3.99 14.52 8.45
N ALA A 166 -2.83 14.42 9.07
CA ALA A 166 -2.57 13.40 10.12
C ALA A 166 -2.55 12.03 9.46
N MET A 167 -3.44 11.08 9.79
CA MET A 167 -3.51 9.87 9.02
C MET A 167 -3.82 10.15 7.53
N GLY A 168 -4.52 11.25 7.23
CA GLY A 168 -4.68 11.68 5.86
C GLY A 168 -3.45 12.24 5.21
N GLY A 169 -2.51 12.72 6.00
CA GLY A 169 -1.17 13.06 5.56
C GLY A 169 -0.43 11.79 5.15
N LEU A 170 -0.49 10.75 5.99
CA LEU A 170 -0.03 9.43 5.57
C LEU A 170 -0.67 8.99 4.24
N THR A 171 -1.99 9.16 4.13
CA THR A 171 -2.64 8.82 2.86
C THR A 171 -1.99 9.52 1.70
N THR A 172 -1.70 10.80 1.90
CA THR A 172 -1.09 11.61 0.87
C THR A 172 0.24 11.08 0.38
N TRP A 173 1.08 10.66 1.34
CA TRP A 173 2.40 10.10 0.96
C TRP A 173 2.25 8.80 0.17
N TYR A 174 1.30 7.95 0.55
CA TYR A 174 1.05 6.72 -0.19
C TYR A 174 0.42 6.99 -1.56
N VAL A 175 -0.38 8.05 -1.66
CA VAL A 175 -0.84 8.51 -2.96
C VAL A 175 0.32 8.96 -3.81
N MET A 176 1.22 9.76 -3.24
CA MET A 176 2.37 10.19 -4.02
C MET A 176 3.18 9.03 -4.60
N VAL A 177 3.55 8.09 -3.75
CA VAL A 177 4.43 7.02 -4.16
CA VAL A 177 4.46 7.07 -4.23
C VAL A 177 3.77 6.12 -5.19
N ASN A 178 2.46 6.02 -5.19
CA ASN A 178 1.76 5.10 -6.05
C ASN A 178 1.00 5.77 -7.23
N CYS A 179 0.95 7.10 -7.22
CA CYS A 179 0.07 7.84 -8.16
C CYS A 179 0.73 9.03 -8.81
N LEU A 180 2.05 9.06 -8.92
CA LEU A 180 2.70 10.16 -9.62
C LEU A 180 2.22 10.30 -11.07
N ASP A 181 1.80 9.20 -11.67
CA ASP A 181 1.26 9.23 -13.02
C ASP A 181 -0.03 10.05 -13.14
N TYR A 182 -0.78 10.15 -12.08
CA TYR A 182 -2.08 10.82 -12.02
C TYR A 182 -2.10 12.18 -11.31
N VAL A 183 -1.10 12.44 -10.46
CA VAL A 183 -1.17 13.60 -9.56
C VAL A 183 0.20 14.28 -9.55
N ALA A 184 0.21 15.62 -9.68
CA ALA A 184 1.44 16.37 -9.68
C ALA A 184 1.69 17.14 -8.39
N TYR A 185 0.66 17.51 -7.62
CA TYR A 185 0.82 18.39 -6.48
C TYR A 185 0.36 17.69 -5.21
N PHE A 186 1.19 17.74 -4.18
CA PHE A 186 0.99 17.02 -2.92
C PHE A 186 1.08 17.94 -1.75
N MET A 187 0.11 17.82 -0.83
CA MET A 187 0.04 18.65 0.37
C MET A 187 -0.13 17.80 1.64
N PRO A 188 0.93 17.09 2.06
CA PRO A 188 0.84 16.36 3.31
C PRO A 188 0.92 17.29 4.51
N LEU A 189 -0.08 17.18 5.38
CA LEU A 189 -0.26 18.06 6.53
C LEU A 189 -0.15 17.25 7.81
N SER A 190 0.88 17.53 8.62
CA SER A 190 0.98 16.87 9.93
C SER A 190 0.86 15.34 9.87
N GLY A 191 1.61 14.75 8.99
CA GLY A 191 1.76 13.31 8.90
C GLY A 191 2.99 12.99 8.08
N ASP A 192 3.72 11.94 8.49
CA ASP A 192 4.84 11.43 7.77
C ASP A 192 4.50 10.16 6.98
N TYR A 193 5.45 9.74 6.16
CA TYR A 193 5.34 8.55 5.32
C TYR A 193 5.85 7.33 6.09
N TRP A 194 5.00 6.34 6.35
N TRP A 194 4.93 6.45 6.47
CA TRP A 194 5.39 5.22 7.26
CA TRP A 194 5.29 5.21 7.20
C TRP A 194 6.23 4.06 6.61
C TRP A 194 5.65 4.10 6.24
N TYR A 195 6.55 4.17 5.31
N TYR A 195 6.86 4.17 5.74
CA TYR A 195 7.36 3.13 4.67
CA TYR A 195 7.39 3.15 4.86
C TYR A 195 8.86 3.25 4.91
N GLY A 196 9.39 2.46 5.84
CA GLY A 196 10.85 2.40 6.02
C GLY A 196 11.23 2.55 7.47
N ASN A 197 12.40 2.05 7.76
CA ASN A 197 12.91 1.99 9.11
C ASN A 197 13.79 3.17 9.48
N SER A 198 13.97 4.09 8.56
CA SER A 198 14.73 5.31 8.81
C SER A 198 14.20 6.40 7.89
N PRO A 199 14.54 7.67 8.17
CA PRO A 199 14.17 8.73 7.22
C PRO A 199 14.75 8.56 5.85
N GLN A 200 15.96 8.02 5.74
CA GLN A 200 16.56 7.77 4.47
C GLN A 200 15.80 6.72 3.68
N ASP A 201 15.27 5.67 4.33
CA ASP A 201 14.45 4.68 3.64
C ASP A 201 13.23 5.39 3.05
N LYS A 202 12.60 6.25 3.83
CA LYS A 202 11.40 6.97 3.34
C LYS A 202 11.74 7.79 2.10
N ALA A 203 12.79 8.60 2.21
CA ALA A 203 13.22 9.43 1.10
C ALA A 203 13.60 8.61 -0.11
N ASN A 204 14.29 7.50 0.11
CA ASN A 204 14.73 6.67 -1.00
C ASN A 204 13.54 6.01 -1.69
N SER A 205 12.50 5.67 -0.94
CA SER A 205 11.28 5.12 -1.55
C SER A 205 10.60 6.17 -2.48
N ILE A 206 10.52 7.39 -2.00
CA ILE A 206 9.93 8.49 -2.79
C ILE A 206 10.79 8.69 -4.05
N ALA A 207 12.09 8.70 -3.87
CA ALA A 207 13.01 8.83 -5.01
C ALA A 207 12.84 7.73 -6.03
N GLU A 208 12.69 6.50 -5.58
CA GLU A 208 12.49 5.40 -6.49
C GLU A 208 11.16 5.49 -7.23
N ALA A 209 10.12 5.96 -6.55
CA ALA A 209 8.85 6.20 -7.22
C ALA A 209 9.01 7.27 -8.30
N ILE A 210 9.73 8.33 -8.00
CA ILE A 210 9.99 9.35 -9.00
C ILE A 210 10.78 8.76 -10.18
N ASN A 211 11.84 8.00 -9.89
CA ASN A 211 12.62 7.34 -10.96
C ASN A 211 11.70 6.49 -11.85
N ARG A 212 10.87 5.64 -11.24
CA ARG A 212 9.98 4.78 -12.00
C ARG A 212 9.01 5.59 -12.88
N SER A 213 8.55 6.74 -12.40
CA SER A 213 7.60 7.54 -13.13
C SER A 213 8.16 8.18 -14.40
N GLY A 214 9.47 8.39 -14.43
CA GLY A 214 10.17 9.05 -15.50
C GLY A 214 10.03 10.57 -15.50
N LEU A 215 9.29 11.11 -14.54
CA LEU A 215 9.04 12.54 -14.52
C LEU A 215 10.26 13.38 -14.22
N SER A 216 10.25 14.61 -14.73
CA SER A 216 11.25 15.60 -14.35
C SER A 216 10.89 16.27 -13.05
N LYS A 217 11.85 16.99 -12.49
CA LYS A 217 11.65 17.73 -11.27
C LYS A 217 10.73 18.90 -11.40
N ARG A 218 10.33 19.25 -12.62
CA ARG A 218 9.39 20.31 -12.88
C ARG A 218 7.98 19.79 -13.04
N GLU A 219 7.76 18.51 -12.74
CA GLU A 219 6.50 17.84 -12.96
C GLU A 219 5.88 17.22 -11.70
N TYR A 220 6.47 17.46 -10.55
CA TYR A 220 5.84 17.08 -9.28
C TYR A 220 6.29 18.08 -8.21
N PHE A 221 5.42 18.31 -7.23
CA PHE A 221 5.58 19.41 -6.27
C PHE A 221 5.05 18.94 -4.92
N VAL A 222 5.81 19.17 -3.89
CA VAL A 222 5.42 18.82 -2.52
C VAL A 222 5.48 20.00 -1.62
N PHE A 223 4.32 20.39 -1.10
CA PHE A 223 4.23 21.47 -0.11
C PHE A 223 3.68 20.85 1.17
N ALA A 224 4.60 20.48 2.04
CA ALA A 224 4.30 19.86 3.33
C ALA A 224 4.12 20.96 4.37
N ALA A 225 3.34 20.69 5.42
CA ALA A 225 3.19 21.66 6.49
C ALA A 225 2.84 20.99 7.78
N THR A 226 3.22 21.64 8.87
CA THR A 226 2.77 21.26 10.19
C THR A 226 2.94 22.42 11.14
N GLY A 227 2.60 22.20 12.40
CA GLY A 227 2.81 23.18 13.43
C GLY A 227 4.05 22.92 14.25
N SER A 228 4.68 23.97 14.77
CA SER A 228 5.91 23.73 15.56
C SER A 228 5.59 23.04 16.86
N GLU A 229 4.34 23.06 17.30
CA GLU A 229 3.88 22.33 18.49
C GLU A 229 2.97 21.17 18.17
N ASP A 230 3.05 20.69 16.93
CA ASP A 230 2.27 19.58 16.46
C ASP A 230 3.12 18.31 16.54
N ILE A 231 2.62 17.28 17.24
CA ILE A 231 3.36 16.05 17.40
C ILE A 231 3.91 15.47 16.12
N ALA A 232 3.24 15.71 14.99
CA ALA A 232 3.72 15.17 13.72
C ALA A 232 5.07 15.73 13.28
N TYR A 233 5.46 16.89 13.77
CA TYR A 233 6.77 17.43 13.48
C TYR A 233 7.90 16.45 13.76
N ALA A 234 7.76 15.71 14.85
CA ALA A 234 8.84 14.81 15.27
C ALA A 234 9.25 13.85 14.18
N ASN A 235 8.26 13.29 13.45
CA ASN A 235 8.56 12.34 12.40
C ASN A 235 8.65 13.02 11.02
N MET A 236 7.93 14.13 10.81
CA MET A 236 8.05 14.83 9.54
C MET A 236 9.40 15.43 9.34
N ASN A 237 9.94 16.12 10.35
CA ASN A 237 11.12 16.90 10.12
C ASN A 237 12.30 16.05 9.65
N PRO A 238 12.59 14.90 10.28
CA PRO A 238 13.67 14.07 9.74
C PRO A 238 13.45 13.58 8.31
N GLN A 239 12.18 13.26 7.97
CA GLN A 239 11.86 12.86 6.61
C GLN A 239 12.11 13.98 5.63
N ILE A 240 11.67 15.20 5.99
CA ILE A 240 11.89 16.35 5.10
C ILE A 240 13.37 16.59 4.87
N GLU A 241 14.15 16.52 5.92
CA GLU A 241 15.59 16.71 5.78
C GLU A 241 16.25 15.67 4.88
N ALA A 242 15.82 14.41 5.00
CA ALA A 242 16.34 13.39 4.12
C ALA A 242 15.94 13.63 2.66
N MET A 243 14.70 14.09 2.45
CA MET A 243 14.25 14.42 1.10
C MET A 243 15.01 15.60 0.49
N LYS A 244 15.34 16.60 1.29
CA LYS A 244 16.05 17.78 0.80
C LYS A 244 17.40 17.35 0.19
N ALA A 245 18.00 16.33 0.77
CA ALA A 245 19.31 15.85 0.25
C ALA A 245 19.23 15.11 -1.08
N LEU A 246 18.03 14.71 -1.52
CA LEU A 246 17.87 14.04 -2.80
C LEU A 246 18.03 15.03 -3.94
N PRO A 247 18.60 14.60 -5.08
CA PRO A 247 18.58 15.47 -6.25
C PRO A 247 17.18 15.71 -6.80
N HIS A 248 16.25 14.86 -6.42
CA HIS A 248 14.88 14.91 -6.93
C HIS A 248 14.10 16.14 -6.49
N PHE A 249 14.57 16.79 -5.42
CA PHE A 249 13.89 17.91 -4.84
C PHE A 249 14.77 19.13 -4.78
N ASP A 250 14.20 20.26 -5.20
CA ASP A 250 14.80 21.59 -5.11
C ASP A 250 13.99 22.40 -4.12
N TYR A 251 14.56 22.70 -2.95
CA TYR A 251 13.83 23.25 -1.82
C TYR A 251 13.65 24.75 -1.98
N THR A 252 12.38 25.14 -2.06
CA THR A 252 11.89 26.50 -2.14
C THR A 252 10.35 26.48 -2.32
N SER A 253 9.64 27.46 -1.80
CA SER A 253 8.21 27.59 -2.08
C SER A 253 7.94 28.23 -3.44
N ASP A 254 8.98 28.76 -4.11
CA ASP A 254 8.79 29.34 -5.43
C ASP A 254 8.80 28.24 -6.45
N PHE A 255 7.61 27.72 -6.76
CA PHE A 255 7.45 26.57 -7.64
C PHE A 255 7.71 26.87 -9.12
N SER A 256 8.01 28.14 -9.42
CA SER A 256 8.57 28.46 -10.73
C SER A 256 10.05 28.12 -10.81
N LYS A 257 10.67 27.84 -9.69
CA LYS A 257 12.10 27.56 -9.57
CA LYS A 257 12.09 27.54 -9.59
C LYS A 257 12.37 26.17 -9.05
C LYS A 257 12.33 26.14 -9.09
N GLY A 258 11.61 25.72 -8.06
CA GLY A 258 11.86 24.44 -7.42
C GLY A 258 10.51 23.74 -7.15
N ASN A 259 10.52 22.82 -6.21
CA ASN A 259 9.38 21.88 -6.13
C ASN A 259 9.14 21.32 -4.74
N PHE A 260 9.69 21.91 -3.69
CA PHE A 260 9.61 21.26 -2.35
C PHE A 260 9.67 22.30 -1.28
N TYR A 261 8.72 22.27 -0.33
CA TYR A 261 8.71 23.22 0.77
C TYR A 261 8.10 22.56 1.98
N PHE A 262 8.52 22.98 3.17
CA PHE A 262 7.96 22.53 4.46
C PHE A 262 7.68 23.75 5.34
N LEU A 263 6.39 24.09 5.45
CA LEU A 263 5.94 25.21 6.22
C LEU A 263 5.68 24.74 7.65
N VAL A 264 6.32 25.40 8.62
CA VAL A 264 6.15 25.09 10.04
C VAL A 264 5.56 26.30 10.75
N ALA A 265 4.34 26.18 11.22
CA ALA A 265 3.63 27.31 11.82
C ALA A 265 4.02 27.45 13.29
N PRO A 266 4.58 28.61 13.68
CA PRO A 266 4.99 28.74 15.08
C PRO A 266 3.83 28.64 16.05
N GLY A 267 3.98 27.76 17.05
CA GLY A 267 3.03 27.61 18.12
C GLY A 267 1.82 26.76 17.89
N ALA A 268 1.61 26.36 16.64
CA ALA A 268 0.42 25.60 16.28
C ALA A 268 0.51 24.15 16.71
N THR A 269 -0.61 23.64 17.20
CA THR A 269 -0.78 22.30 17.67
C THR A 269 -1.58 21.44 16.69
N HIS A 270 -1.74 20.16 17.00
CA HIS A 270 -2.37 19.20 16.08
C HIS A 270 -3.85 19.29 16.17
N TRP A 271 -4.39 20.23 15.39
CA TRP A 271 -5.78 20.61 15.45
C TRP A 271 -6.19 21.24 14.12
N TRP A 272 -7.35 20.81 13.61
CA TRP A 272 -7.88 21.42 12.38
C TRP A 272 -7.98 22.96 12.45
N GLY A 273 -8.17 23.51 13.63
CA GLY A 273 -8.28 24.94 13.78
C GLY A 273 -7.08 25.66 13.22
N TYR A 274 -5.89 25.09 13.37
CA TYR A 274 -4.67 25.58 12.72
C TYR A 274 -4.49 25.02 11.31
N VAL A 275 -4.71 23.73 11.12
CA VAL A 275 -4.37 23.07 9.86
C VAL A 275 -5.13 23.66 8.67
N ARG A 276 -6.36 24.12 8.90
CA ARG A 276 -7.10 24.79 7.84
C ARG A 276 -6.35 25.98 7.27
N HIS A 277 -5.61 26.68 8.10
CA HIS A 277 -4.81 27.81 7.66
C HIS A 277 -3.60 27.39 6.83
N TYR A 278 -3.08 26.19 7.06
CA TYR A 278 -2.03 25.70 6.18
C TYR A 278 -2.53 25.54 4.75
N ILE A 279 -3.76 25.08 4.61
CA ILE A 279 -4.39 24.95 3.30
C ILE A 279 -4.58 26.34 2.67
N TYR A 280 -5.02 27.32 3.47
CA TYR A 280 -5.13 28.70 3.00
C TYR A 280 -3.77 29.19 2.50
N ASP A 281 -2.68 28.87 3.18
CA ASP A 281 -1.39 29.35 2.79
C ASP A 281 -0.83 28.63 1.56
N ALA A 282 -1.05 27.32 1.51
CA ALA A 282 -0.41 26.47 0.51
C ALA A 282 -1.18 26.29 -0.76
N LEU A 283 -2.51 26.16 -0.69
CA LEU A 283 -3.28 25.87 -1.89
C LEU A 283 -3.11 26.92 -2.97
N PRO A 284 -2.99 28.21 -2.63
CA PRO A 284 -2.71 29.22 -3.69
C PRO A 284 -1.43 29.00 -4.46
N TYR A 285 -0.52 28.18 -3.96
CA TYR A 285 0.74 27.89 -4.64
C TYR A 285 0.62 26.78 -5.68
N PHE A 286 -0.54 26.10 -5.73
CA PHE A 286 -0.69 24.93 -6.57
C PHE A 286 -1.24 25.28 -7.96
N PHE A 287 -0.86 24.46 -8.94
CA PHE A 287 -1.49 24.39 -10.24
C PHE A 287 -1.16 25.53 -11.21
N HIS A 288 -0.03 26.21 -11.03
CA HIS A 288 0.36 27.24 -12.00
C HIS A 288 1.48 26.77 -12.93
N GLU A 289 2.13 25.66 -12.66
CA GLU A 289 3.22 25.21 -13.52
C GLU A 289 2.61 24.42 -14.66
N LEU A 290 2.93 24.85 -15.89
CA LEU A 290 2.33 24.26 -17.10
C LEU A 290 0.82 24.50 -17.06
N GLU A 291 0.36 25.60 -16.50
CA GLU A 291 -1.08 25.87 -16.51
C GLU A 291 -1.47 26.43 -17.86
N HIS A 292 -2.78 26.38 -18.14
CA HIS A 292 -3.26 26.73 -19.44
C HIS A 292 -3.67 28.15 -19.59
N HIS A 293 -3.84 28.90 -18.54
CA HIS A 293 -4.09 30.35 -18.60
C HIS A 293 -2.74 31.08 -18.67
N HIS A 294 -2.76 32.29 -19.20
CA HIS A 294 -1.56 33.14 -19.30
C HIS A 294 -1.53 34.02 -18.06
N HIS A 295 -0.79 33.56 -17.04
CA HIS A 295 -0.64 34.26 -15.76
C HIS A 295 0.81 34.52 -15.44
N HIS A 296 1.04 35.60 -14.72
CA HIS A 296 2.37 35.97 -14.20
C HIS A 296 2.34 35.87 -12.70
N HIS A 297 3.09 34.92 -12.16
CA HIS A 297 3.22 34.68 -10.72
C HIS A 297 4.64 34.87 -10.24
N SER B 15 4.73 -39.35 7.26
CA SER B 15 3.41 -38.68 7.49
C SER B 15 3.48 -37.53 8.53
N PHE B 16 2.99 -36.37 8.14
CA PHE B 16 3.26 -35.16 8.93
C PHE B 16 2.59 -35.07 10.30
N LYS B 17 3.36 -34.69 11.32
CA LYS B 17 2.86 -34.37 12.65
C LYS B 17 3.43 -32.99 13.07
N TYR B 18 2.59 -32.13 13.60
CA TYR B 18 3.11 -30.85 14.11
C TYR B 18 4.03 -31.04 15.32
N GLU B 19 5.14 -30.29 15.30
N GLU B 19 5.13 -30.28 15.31
CA GLU B 19 5.98 -30.06 16.49
CA GLU B 19 5.97 -30.08 16.49
C GLU B 19 5.67 -28.68 17.00
C GLU B 19 5.69 -28.69 17.00
N SER B 20 5.91 -28.44 18.29
CA SER B 20 5.66 -27.12 18.87
C SER B 20 6.77 -26.10 18.70
N ALA B 21 7.99 -26.57 18.44
CA ALA B 21 9.11 -25.67 18.20
C ALA B 21 10.02 -26.30 17.14
N VAL B 22 9.49 -26.35 15.93
CA VAL B 22 10.22 -26.97 14.82
C VAL B 22 11.59 -26.29 14.61
N GLN B 23 12.60 -27.09 14.34
CA GLN B 23 13.94 -26.59 14.15
C GLN B 23 14.30 -26.61 12.68
N TYR B 24 15.25 -25.76 12.31
CA TYR B 24 15.76 -25.73 10.94
C TYR B 24 16.41 -27.05 10.58
N ARG B 25 16.08 -27.54 9.39
CA ARG B 25 16.71 -28.71 8.83
C ARG B 25 16.67 -28.57 7.29
N PRO B 26 17.82 -28.54 6.64
CA PRO B 26 17.82 -28.46 5.20
C PRO B 26 17.26 -29.75 4.61
N ALA B 27 16.69 -29.61 3.44
CA ALA B 27 16.38 -30.81 2.63
C ALA B 27 17.67 -31.55 2.33
N PRO B 28 17.60 -32.86 2.23
CA PRO B 28 18.78 -33.63 1.81
C PRO B 28 19.34 -33.11 0.51
N ASP B 29 20.64 -33.30 0.30
CA ASP B 29 21.24 -32.79 -0.90
C ASP B 29 20.60 -33.39 -2.17
N SER B 30 20.15 -34.62 -2.05
CA SER B 30 19.47 -35.29 -3.15
C SER B 30 18.20 -34.64 -3.60
N TYR B 31 17.62 -33.82 -2.73
CA TYR B 31 16.36 -33.12 -3.06
C TYR B 31 16.59 -31.95 -4.00
N LEU B 32 17.85 -31.57 -4.19
CA LEU B 32 18.21 -30.49 -5.12
C LEU B 32 18.39 -30.94 -6.55
N ASN B 33 18.39 -32.27 -6.77
CA ASN B 33 18.44 -32.81 -8.11
C ASN B 33 17.07 -33.20 -8.61
N PRO B 34 16.86 -33.22 -9.92
CA PRO B 34 15.53 -33.53 -10.43
C PRO B 34 14.94 -34.83 -9.92
N CYS B 35 13.65 -34.81 -9.63
CA CYS B 35 12.87 -35.98 -9.22
C CYS B 35 12.11 -36.46 -10.43
N PRO B 36 11.98 -37.77 -10.66
CA PRO B 36 11.18 -38.22 -11.77
C PRO B 36 9.68 -37.96 -11.63
N GLN B 37 9.17 -37.81 -10.43
CA GLN B 37 7.75 -37.49 -10.21
C GLN B 37 7.65 -35.95 -10.23
N ALA B 38 7.82 -35.37 -11.41
CA ALA B 38 7.99 -33.92 -11.50
C ALA B 38 6.68 -33.29 -11.77
N GLY B 39 6.36 -32.29 -10.97
CA GLY B 39 5.24 -31.43 -11.25
C GLY B 39 5.42 -30.62 -12.51
N ARG B 40 4.34 -30.36 -13.21
CA ARG B 40 4.38 -29.55 -14.42
C ARG B 40 4.48 -28.07 -14.05
N ILE B 41 5.33 -27.29 -14.72
CA ILE B 41 5.41 -25.85 -14.50
C ILE B 41 4.92 -25.21 -15.79
N VAL B 42 3.91 -24.37 -15.64
CA VAL B 42 3.28 -23.73 -16.77
C VAL B 42 3.50 -22.21 -16.68
N LYS B 43 4.07 -21.64 -17.73
CA LYS B 43 4.21 -20.19 -17.89
C LYS B 43 2.89 -19.63 -18.40
N GLU B 44 2.37 -18.65 -17.68
CA GLU B 44 1.16 -17.97 -18.03
C GLU B 44 1.41 -16.48 -18.17
N THR B 45 0.64 -15.89 -19.08
CA THR B 45 0.65 -14.44 -19.28
C THR B 45 -0.76 -13.90 -19.22
N TYR B 46 -0.92 -12.79 -18.50
CA TYR B 46 -2.24 -12.18 -18.24
C TYR B 46 -2.10 -10.66 -18.28
N THR B 47 -3.21 -9.97 -18.42
CA THR B 47 -3.20 -8.51 -18.36
C THR B 47 -4.06 -8.06 -17.20
N GLY B 48 -3.48 -7.25 -16.32
CA GLY B 48 -4.16 -6.73 -15.15
C GLY B 48 -3.84 -5.24 -14.97
N ILE B 49 -4.01 -4.77 -13.75
CA ILE B 49 -3.90 -3.35 -13.44
C ILE B 49 -2.49 -2.79 -13.63
N ASN B 50 -1.50 -3.66 -13.70
CA ASN B 50 -0.12 -3.28 -14.01
C ASN B 50 0.35 -3.72 -15.39
N GLY B 51 -0.62 -3.92 -16.29
CA GLY B 51 -0.34 -4.31 -17.64
C GLY B 51 -0.16 -5.80 -17.82
N THR B 52 0.48 -6.15 -18.93
CA THR B 52 0.67 -7.55 -19.32
C THR B 52 1.91 -8.05 -18.61
N LYS B 53 1.74 -9.15 -17.87
CA LYS B 53 2.78 -9.71 -16.99
C LYS B 53 2.65 -11.24 -17.06
N SER B 54 3.66 -11.92 -16.55
CA SER B 54 3.70 -13.36 -16.54
C SER B 54 3.89 -13.91 -15.13
N LEU B 55 3.63 -15.20 -14.98
CA LEU B 55 3.84 -15.95 -13.76
C LEU B 55 4.08 -17.41 -14.14
N ASN B 56 4.59 -18.19 -13.19
CA ASN B 56 4.65 -19.62 -13.35
C ASN B 56 3.74 -20.32 -12.38
N VAL B 57 3.11 -21.41 -12.83
CA VAL B 57 2.24 -22.25 -12.01
C VAL B 57 2.87 -23.64 -11.94
N TYR B 58 3.24 -24.08 -10.75
CA TYR B 58 3.66 -25.43 -10.45
C TYR B 58 2.46 -26.23 -10.05
N LEU B 59 2.23 -27.32 -10.80
CA LEU B 59 1.17 -28.29 -10.52
C LEU B 59 1.81 -29.56 -9.98
N PRO B 60 1.25 -30.16 -8.95
CA PRO B 60 1.89 -31.35 -8.37
C PRO B 60 1.83 -32.51 -9.37
N TYR B 61 2.78 -33.42 -9.21
CA TYR B 61 2.77 -34.67 -9.98
C TYR B 61 1.44 -35.36 -9.68
N GLY B 62 0.80 -35.84 -10.72
CA GLY B 62 -0.50 -36.48 -10.57
C GLY B 62 -1.69 -35.53 -10.45
N TYR B 63 -1.44 -34.24 -10.71
CA TYR B 63 -2.50 -33.24 -10.71
C TYR B 63 -3.75 -33.72 -11.42
N ASP B 64 -4.85 -33.67 -10.71
CA ASP B 64 -6.15 -34.11 -11.21
C ASP B 64 -7.08 -32.90 -11.14
N PRO B 65 -7.51 -32.39 -12.29
CA PRO B 65 -8.45 -31.25 -12.31
C PRO B 65 -9.75 -31.46 -11.60
N ASN B 66 -10.09 -32.69 -11.26
CA ASN B 66 -11.28 -32.94 -10.44
C ASN B 66 -11.11 -32.85 -8.93
N LYS B 67 -9.86 -32.74 -8.50
CA LYS B 67 -9.53 -32.61 -7.11
C LYS B 67 -9.27 -31.10 -6.84
N LYS B 68 -9.41 -30.74 -5.60
CA LYS B 68 -9.18 -29.38 -5.09
C LYS B 68 -7.83 -29.37 -4.36
N TYR B 69 -6.99 -28.40 -4.74
CA TYR B 69 -5.66 -28.28 -4.16
C TYR B 69 -5.50 -27.00 -3.38
N ASN B 70 -4.76 -27.08 -2.27
CA ASN B 70 -4.19 -25.92 -1.64
C ASN B 70 -3.37 -25.12 -2.64
N ILE B 71 -3.26 -23.81 -2.44
CA ILE B 71 -2.49 -22.97 -3.32
C ILE B 71 -1.62 -22.01 -2.51
N PHE B 72 -0.37 -21.93 -2.89
CA PHE B 72 0.63 -21.08 -2.23
C PHE B 72 1.29 -20.18 -3.25
N TYR B 73 1.11 -18.86 -3.09
CA TYR B 73 1.70 -17.88 -3.94
C TYR B 73 3.01 -17.42 -3.27
N LEU B 74 4.09 -17.37 -4.05
CA LEU B 74 5.42 -17.17 -3.51
C LEU B 74 6.22 -16.17 -4.32
N MET B 75 6.62 -15.07 -3.66
CA MET B 75 7.25 -13.91 -4.30
C MET B 75 8.76 -13.87 -4.16
N HIS B 76 9.38 -13.56 -5.29
CA HIS B 76 10.81 -13.37 -5.42
C HIS B 76 11.29 -12.09 -4.70
N GLY B 77 12.60 -11.91 -4.68
CA GLY B 77 13.25 -10.78 -4.06
C GLY B 77 13.60 -9.68 -5.06
N GLY B 78 14.24 -8.65 -4.55
CA GLY B 78 14.72 -7.59 -5.39
C GLY B 78 15.68 -8.04 -6.45
N GLY B 79 15.48 -7.48 -7.66
CA GLY B 79 16.29 -7.79 -8.81
C GLY B 79 15.95 -9.10 -9.48
N GLU B 80 14.94 -9.78 -8.95
CA GLU B 80 14.53 -11.09 -9.47
C GLU B 80 13.25 -10.98 -10.30
N ASN B 81 12.72 -12.10 -10.73
CA ASN B 81 11.52 -12.10 -11.57
C ASN B 81 10.74 -13.40 -11.35
N GLU B 82 9.63 -13.53 -12.06
CA GLU B 82 8.72 -14.65 -11.93
C GLU B 82 9.33 -16.01 -12.27
N ASN B 83 10.48 -15.99 -12.93
CA ASN B 83 11.20 -17.21 -13.30
C ASN B 83 12.29 -17.63 -12.34
N THR B 84 12.64 -16.77 -11.37
CA THR B 84 13.81 -17.02 -10.53
C THR B 84 13.71 -18.28 -9.68
N ILE B 85 12.57 -18.43 -9.02
CA ILE B 85 12.42 -19.51 -8.02
C ILE B 85 12.50 -20.91 -8.64
N PHE B 86 12.08 -21.04 -9.89
CA PHE B 86 12.14 -22.33 -10.60
C PHE B 86 13.33 -22.36 -11.58
N SER B 87 14.22 -21.38 -11.48
CA SER B 87 15.46 -21.37 -12.28
C SER B 87 16.52 -22.25 -11.65
N ASN B 88 17.62 -22.39 -12.38
CA ASN B 88 18.75 -23.14 -11.85
C ASN B 88 19.42 -22.49 -10.66
N ASP B 89 19.14 -21.22 -10.39
CA ASP B 89 19.71 -20.57 -9.22
C ASP B 89 18.99 -20.92 -7.90
N VAL B 90 17.84 -21.59 -7.98
CA VAL B 90 17.07 -21.88 -6.79
C VAL B 90 16.57 -23.33 -6.78
N LYS B 91 15.90 -23.75 -7.88
CA LYS B 91 15.49 -25.15 -8.06
C LYS B 91 14.46 -25.57 -7.03
N LEU B 92 13.54 -24.66 -6.66
CA LEU B 92 12.59 -25.04 -5.61
C LEU B 92 11.70 -26.20 -6.07
N GLN B 93 11.44 -26.33 -7.36
CA GLN B 93 10.58 -27.42 -7.86
C GLN B 93 11.16 -28.78 -7.52
N ASN B 94 12.48 -28.90 -7.45
CA ASN B 94 13.09 -30.19 -7.11
C ASN B 94 12.75 -30.56 -5.69
N ILE B 95 12.84 -29.59 -4.79
CA ILE B 95 12.46 -29.80 -3.41
C ILE B 95 10.98 -30.16 -3.27
N LEU B 96 10.13 -29.39 -3.92
CA LEU B 96 8.69 -29.65 -3.89
C LEU B 96 8.42 -31.05 -4.40
N ASP B 97 8.99 -31.39 -5.55
CA ASP B 97 8.73 -32.71 -6.16
C ASP B 97 9.16 -33.85 -5.22
N HIS B 98 10.35 -33.77 -4.67
CA HIS B 98 10.79 -34.85 -3.80
C HIS B 98 10.00 -34.91 -2.51
N ALA B 99 9.65 -33.75 -1.94
CA ALA B 99 8.88 -33.73 -0.71
C ALA B 99 7.48 -34.31 -0.89
N ILE B 100 6.82 -33.96 -2.00
CA ILE B 100 5.50 -34.49 -2.31
C ILE B 100 5.60 -36.01 -2.57
N MET B 101 6.58 -36.44 -3.33
CA MET B 101 6.72 -37.86 -3.63
C MET B 101 6.95 -38.66 -2.36
N ASN B 102 7.74 -38.11 -1.43
CA ASN B 102 8.08 -38.83 -0.21
C ASN B 102 6.96 -38.75 0.84
N GLY B 103 5.94 -37.95 0.60
CA GLY B 103 4.81 -37.79 1.54
C GLY B 103 5.02 -36.81 2.67
N GLU B 104 6.07 -36.03 2.59
CA GLU B 104 6.39 -34.98 3.55
C GLU B 104 5.49 -33.75 3.41
N LEU B 105 5.01 -33.53 2.22
CA LEU B 105 4.24 -32.37 1.84
C LEU B 105 3.06 -32.85 1.02
N GLU B 106 1.86 -32.45 1.42
CA GLU B 106 0.66 -32.81 0.66
C GLU B 106 0.71 -32.05 -0.67
N PRO B 107 0.25 -32.66 -1.74
CA PRO B 107 0.30 -32.00 -3.05
C PRO B 107 -0.44 -30.66 -3.00
N LEU B 108 0.14 -29.68 -3.68
CA LEU B 108 -0.42 -28.33 -3.76
C LEU B 108 0.05 -27.66 -5.02
N ILE B 109 -0.62 -26.56 -5.40
CA ILE B 109 -0.22 -25.68 -6.46
C ILE B 109 0.63 -24.58 -5.89
N VAL B 110 1.75 -24.30 -6.54
CA VAL B 110 2.65 -23.20 -6.12
C VAL B 110 2.78 -22.23 -7.28
N VAL B 111 2.52 -20.95 -7.02
CA VAL B 111 2.54 -19.94 -8.06
C VAL B 111 3.65 -18.95 -7.76
N THR B 112 4.46 -18.63 -8.76
CA THR B 112 5.51 -17.61 -8.63
C THR B 112 5.20 -16.46 -9.56
N PRO B 113 4.58 -15.41 -9.02
CA PRO B 113 4.28 -14.20 -9.79
C PRO B 113 5.45 -13.21 -9.69
N THR B 114 5.23 -11.97 -10.09
CA THR B 114 6.24 -10.93 -9.96
C THR B 114 5.66 -9.61 -9.56
N PHE B 115 6.44 -8.85 -8.81
CA PHE B 115 6.14 -7.44 -8.47
C PHE B 115 6.73 -6.46 -9.48
N ASN B 116 7.36 -6.96 -10.55
CA ASN B 116 7.85 -6.12 -11.62
C ASN B 116 6.71 -5.72 -12.55
N GLY B 117 6.91 -4.70 -13.36
CA GLY B 117 6.02 -4.37 -14.43
C GLY B 117 5.06 -3.24 -14.13
N GLY B 118 4.85 -2.37 -15.11
CA GLY B 118 3.89 -1.30 -14.96
C GLY B 118 4.19 -0.42 -13.75
N ASN B 119 3.15 -0.20 -12.97
CA ASN B 119 3.21 0.54 -11.72
C ASN B 119 3.47 -0.32 -10.51
N CYS B 120 3.76 -1.60 -10.74
CA CYS B 120 3.84 -2.54 -9.63
C CYS B 120 5.10 -2.37 -8.83
N THR B 121 4.97 -2.56 -7.52
CA THR B 121 6.10 -2.57 -6.59
C THR B 121 5.90 -3.67 -5.58
N ALA B 122 6.93 -4.00 -4.83
CA ALA B 122 6.81 -4.99 -3.79
C ALA B 122 5.73 -4.63 -2.81
N GLN B 123 5.57 -3.33 -2.50
CA GLN B 123 4.62 -2.82 -1.56
C GLN B 123 3.20 -2.83 -2.07
N ASN B 124 2.96 -2.57 -3.35
CA ASN B 124 1.62 -2.42 -3.85
C ASN B 124 1.07 -3.65 -4.62
N PHE B 125 1.87 -4.70 -4.72
CA PHE B 125 1.51 -5.90 -5.50
C PHE B 125 0.20 -6.47 -5.05
N TYR B 126 -0.10 -6.39 -3.75
CA TYR B 126 -1.32 -7.00 -3.23
C TYR B 126 -2.57 -6.60 -3.99
N GLN B 127 -2.62 -5.39 -4.57
CA GLN B 127 -3.83 -5.01 -5.28
C GLN B 127 -4.04 -5.82 -6.56
N GLU B 128 -2.97 -5.95 -7.33
CA GLU B 128 -2.93 -6.81 -8.50
C GLU B 128 -3.20 -8.27 -8.13
N PHE B 129 -2.63 -8.68 -7.00
CA PHE B 129 -2.85 -10.02 -6.51
C PHE B 129 -4.32 -10.32 -6.32
N ARG B 130 -5.02 -9.41 -5.66
CA ARG B 130 -6.44 -9.60 -5.37
C ARG B 130 -7.31 -9.56 -6.60
N GLN B 131 -7.05 -8.60 -7.49
CA GLN B 131 -7.97 -8.30 -8.57
C GLN B 131 -7.69 -9.11 -9.81
N ASN B 132 -6.41 -9.47 -10.04
CA ASN B 132 -6.00 -10.09 -11.28
C ASN B 132 -5.40 -11.48 -11.10
N VAL B 133 -4.41 -11.62 -10.23
CA VAL B 133 -3.68 -12.86 -10.16
C VAL B 133 -4.54 -13.99 -9.64
N ILE B 134 -5.23 -13.81 -8.51
CA ILE B 134 -6.08 -14.88 -7.99
C ILE B 134 -7.14 -15.29 -9.01
N PRO B 135 -7.97 -14.39 -9.55
CA PRO B 135 -8.97 -14.89 -10.50
C PRO B 135 -8.37 -15.52 -11.74
N PHE B 136 -7.27 -15.01 -12.25
CA PHE B 136 -6.64 -15.58 -13.43
C PHE B 136 -6.18 -17.00 -13.19
N VAL B 137 -5.42 -17.21 -12.11
CA VAL B 137 -4.89 -18.51 -11.84
C VAL B 137 -5.99 -19.50 -11.47
N GLU B 138 -6.89 -19.10 -10.57
CA GLU B 138 -7.84 -20.02 -9.96
C GLU B 138 -9.08 -20.26 -10.82
N SER B 139 -9.21 -19.51 -11.91
CA SER B 139 -10.18 -19.85 -12.99
C SER B 139 -9.70 -21.04 -13.80
N LYS B 140 -8.38 -21.21 -13.92
CA LYS B 140 -7.81 -22.27 -14.73
C LYS B 140 -7.45 -23.54 -13.96
N TYR B 141 -6.90 -23.37 -12.77
CA TYR B 141 -6.37 -24.43 -11.96
C TYR B 141 -7.22 -24.65 -10.72
N SER B 142 -7.31 -25.92 -10.30
CA SER B 142 -8.32 -26.36 -9.35
C SER B 142 -7.92 -26.19 -7.90
N THR B 143 -8.37 -25.08 -7.32
CA THR B 143 -8.18 -24.79 -5.91
C THR B 143 -9.46 -25.02 -5.15
N TYR B 144 -9.52 -24.63 -3.89
CA TYR B 144 -10.78 -24.75 -3.15
C TYR B 144 -11.81 -23.69 -3.52
N ALA B 145 -11.43 -22.71 -4.32
CA ALA B 145 -12.41 -21.69 -4.77
C ALA B 145 -13.46 -22.32 -5.69
N GLU B 146 -14.71 -22.20 -5.29
CA GLU B 146 -15.82 -22.73 -6.09
C GLU B 146 -16.16 -21.78 -7.22
N SER B 147 -15.92 -20.49 -7.01
CA SER B 147 -15.98 -19.45 -8.01
C SER B 147 -14.83 -18.50 -7.72
N THR B 148 -14.50 -17.65 -8.67
CA THR B 148 -13.47 -16.62 -8.46
C THR B 148 -14.02 -15.24 -8.31
N THR B 149 -15.27 -15.17 -7.90
CA THR B 149 -15.81 -13.92 -7.37
C THR B 149 -15.17 -13.63 -6.03
N PRO B 150 -15.24 -12.38 -5.56
CA PRO B 150 -14.76 -12.11 -4.20
C PRO B 150 -15.28 -13.05 -3.14
N GLN B 151 -16.58 -13.39 -3.21
CA GLN B 151 -17.15 -14.31 -2.28
C GLN B 151 -16.54 -15.71 -2.34
N GLY B 152 -16.33 -16.21 -3.57
CA GLY B 152 -15.75 -17.54 -3.75
C GLY B 152 -14.29 -17.58 -3.26
N ILE B 153 -13.56 -16.52 -3.47
CA ILE B 153 -12.20 -16.42 -2.99
C ILE B 153 -12.16 -16.36 -1.46
N ALA B 154 -12.97 -15.51 -0.88
CA ALA B 154 -13.04 -15.39 0.59
C ALA B 154 -13.46 -16.69 1.22
N ALA B 155 -14.39 -17.41 0.59
CA ALA B 155 -14.87 -18.65 1.16
C ALA B 155 -13.85 -19.76 1.16
N SER B 156 -12.79 -19.64 0.39
CA SER B 156 -11.76 -20.65 0.26
C SER B 156 -10.41 -20.19 0.86
N ARG B 157 -10.44 -19.14 1.66
CA ARG B 157 -9.24 -18.52 2.22
C ARG B 157 -8.39 -19.45 3.07
N MET B 158 -8.99 -20.45 3.73
CA MET B 158 -8.23 -21.33 4.61
C MET B 158 -7.30 -22.22 3.80
N HIS B 159 -7.46 -22.22 2.48
CA HIS B 159 -6.67 -23.07 1.59
C HIS B 159 -5.77 -22.29 0.65
N ARG B 160 -5.47 -21.05 1.05
CA ARG B 160 -4.67 -20.14 0.26
C ARG B 160 -3.61 -19.53 1.16
N GLY B 161 -2.40 -19.47 0.62
CA GLY B 161 -1.25 -18.93 1.34
C GLY B 161 -0.41 -18.02 0.49
N PHE B 162 0.39 -17.18 1.15
CA PHE B 162 1.30 -16.25 0.46
C PHE B 162 2.60 -16.20 1.23
N GLY B 163 3.70 -16.24 0.52
CA GLY B 163 5.01 -16.05 1.09
C GLY B 163 5.93 -15.40 0.15
N GLY B 164 7.15 -15.14 0.61
CA GLY B 164 8.12 -14.51 -0.23
C GLY B 164 9.39 -14.15 0.50
N PHE B 165 10.43 -13.87 -0.29
CA PHE B 165 11.78 -13.65 0.22
C PHE B 165 12.23 -12.20 0.02
N ALA B 166 12.72 -11.62 1.11
CA ALA B 166 13.43 -10.34 1.09
C ALA B 166 12.44 -9.24 0.74
N MET B 167 12.58 -8.51 -0.38
CA MET B 167 11.49 -7.62 -0.78
C MET B 167 10.19 -8.39 -1.00
N GLY B 168 10.25 -9.67 -1.36
CA GLY B 168 9.04 -10.49 -1.42
C GLY B 168 8.47 -10.88 -0.06
N GLY B 169 9.32 -10.85 0.96
CA GLY B 169 8.86 -10.88 2.34
C GLY B 169 8.08 -9.65 2.72
N LEU B 170 8.60 -8.48 2.35
CA LEU B 170 7.83 -7.24 2.46
C LEU B 170 6.50 -7.39 1.74
N THR B 171 6.52 -7.90 0.51
CA THR B 171 5.26 -8.10 -0.22
C THR B 171 4.28 -8.92 0.62
N THR B 172 4.79 -9.98 1.23
CA THR B 172 3.96 -10.85 2.07
C THR B 172 3.29 -10.12 3.21
N TRP B 173 4.04 -9.24 3.89
CA TRP B 173 3.42 -8.50 5.00
C TRP B 173 2.31 -7.55 4.49
N TYR B 174 2.54 -6.89 3.36
CA TYR B 174 1.50 -6.06 2.78
C TYR B 174 0.31 -6.87 2.27
N VAL B 175 0.56 -8.07 1.75
CA VAL B 175 -0.55 -8.95 1.41
C VAL B 175 -1.32 -9.29 2.68
N MET B 176 -0.64 -9.63 3.78
CA MET B 176 -1.36 -9.97 5.00
C MET B 176 -2.27 -8.86 5.48
N VAL B 177 -1.73 -7.65 5.55
CA VAL B 177 -2.49 -6.54 6.11
CA VAL B 177 -2.55 -6.61 6.17
C VAL B 177 -3.68 -6.18 5.24
N ASN B 178 -3.55 -6.40 3.93
CA ASN B 178 -4.57 -5.99 2.99
C ASN B 178 -5.48 -7.11 2.44
N CYS B 179 -5.13 -8.36 2.73
CA CYS B 179 -5.79 -9.52 2.12
C CYS B 179 -6.11 -10.63 3.08
N LEU B 180 -6.32 -10.34 4.37
CA LEU B 180 -6.74 -11.37 5.33
C LEU B 180 -8.04 -12.01 4.93
N ASP B 181 -8.89 -11.27 4.23
CA ASP B 181 -10.12 -11.83 3.74
C ASP B 181 -9.96 -12.94 2.73
N TYR B 182 -8.85 -12.96 2.01
CA TYR B 182 -8.55 -13.92 0.97
C TYR B 182 -7.50 -14.96 1.30
N VAL B 183 -6.67 -14.72 2.29
CA VAL B 183 -5.49 -15.56 2.53
C VAL B 183 -5.38 -15.84 4.04
N ALA B 184 -5.16 -17.11 4.40
CA ALA B 184 -5.04 -17.50 5.81
C ALA B 184 -3.64 -17.81 6.26
N TYR B 185 -2.73 -18.21 5.34
CA TYR B 185 -1.40 -18.65 5.72
C TYR B 185 -0.36 -17.74 5.11
N PHE B 186 0.61 -17.31 5.92
CA PHE B 186 1.62 -16.36 5.51
C PHE B 186 3.00 -16.84 5.85
N MET B 187 3.91 -16.71 4.89
CA MET B 187 5.31 -17.18 5.04
C MET B 187 6.31 -16.09 4.66
N PRO B 188 6.43 -15.03 5.49
CA PRO B 188 7.45 -14.00 5.21
C PRO B 188 8.86 -14.53 5.52
N LEU B 189 9.75 -14.46 4.55
CA LEU B 189 11.08 -14.98 4.64
C LEU B 189 12.09 -13.84 4.51
N SER B 190 12.87 -13.62 5.56
CA SER B 190 13.97 -12.63 5.51
C SER B 190 13.51 -11.25 4.99
N GLY B 191 12.39 -10.78 5.51
CA GLY B 191 11.94 -9.41 5.29
C GLY B 191 11.00 -9.02 6.40
N ASP B 192 11.07 -7.75 6.80
CA ASP B 192 10.16 -7.17 7.77
C ASP B 192 9.09 -6.33 7.09
N TYR B 193 8.12 -5.91 7.87
CA TYR B 193 7.01 -5.08 7.42
C TYR B 193 7.38 -3.60 7.58
N TRP B 194 7.44 -2.83 6.49
N TRP B 194 7.59 -2.91 6.46
CA TRP B 194 7.99 -1.46 6.59
CA TRP B 194 7.92 -1.49 6.50
C TRP B 194 7.01 -0.35 7.05
C TRP B 194 6.67 -0.66 6.52
N TYR B 195 5.76 -0.70 7.37
N TYR B 195 6.10 -0.56 7.69
CA TYR B 195 4.80 0.29 7.88
CA TYR B 195 4.95 0.29 7.93
C TYR B 195 4.93 0.61 9.36
N GLY B 196 5.57 1.73 9.66
CA GLY B 196 5.63 2.18 11.03
C GLY B 196 7.01 2.58 11.49
N ASN B 197 7.05 3.47 12.46
CA ASN B 197 8.30 4.05 12.95
C ASN B 197 8.88 3.29 14.13
N SER B 198 8.20 2.22 14.53
CA SER B 198 8.67 1.37 15.60
C SER B 198 8.16 -0.07 15.38
N PRO B 199 8.71 -1.05 16.07
CA PRO B 199 8.12 -2.42 15.98
C PRO B 199 6.71 -2.45 16.47
N GLN B 200 6.36 -1.65 17.48
CA GLN B 200 5.00 -1.60 17.97
C GLN B 200 4.05 -1.10 16.93
N ASP B 201 4.45 -0.07 16.14
CA ASP B 201 3.58 0.44 15.10
C ASP B 201 3.29 -0.72 14.09
N LYS B 202 4.31 -1.46 13.78
CA LYS B 202 4.18 -2.59 12.80
C LYS B 202 3.19 -3.60 13.35
N ALA B 203 3.45 -4.03 14.58
CA ALA B 203 2.57 -5.02 15.24
C ALA B 203 1.15 -4.50 15.35
N ASN B 204 0.98 -3.22 15.74
CA ASN B 204 -0.34 -2.65 15.87
C ASN B 204 -1.11 -2.54 14.56
N SER B 205 -0.40 -2.30 13.45
CA SER B 205 -1.00 -2.29 12.15
C SER B 205 -1.54 -3.68 11.75
N ILE B 206 -0.75 -4.71 12.03
CA ILE B 206 -1.20 -6.08 11.79
C ILE B 206 -2.42 -6.38 12.65
N ALA B 207 -2.35 -6.04 13.92
CA ALA B 207 -3.46 -6.24 14.85
C ALA B 207 -4.73 -5.56 14.35
N GLU B 208 -4.61 -4.31 13.88
CA GLU B 208 -5.77 -3.60 13.41
C GLU B 208 -6.37 -4.25 12.17
N ALA B 209 -5.51 -4.80 11.28
CA ALA B 209 -6.02 -5.52 10.12
C ALA B 209 -6.79 -6.77 10.57
N ILE B 210 -6.25 -7.48 11.54
CA ILE B 210 -6.94 -8.66 12.09
C ILE B 210 -8.29 -8.24 12.69
N ASN B 211 -8.28 -7.16 13.48
CA ASN B 211 -9.56 -6.66 14.05
C ASN B 211 -10.58 -6.34 12.96
N ARG B 212 -10.16 -5.62 11.91
CA ARG B 212 -11.03 -5.27 10.81
C ARG B 212 -11.61 -6.49 10.06
N SER B 213 -10.78 -7.53 9.96
CA SER B 213 -11.19 -8.73 9.25
C SER B 213 -12.31 -9.50 9.94
N GLY B 214 -12.41 -9.35 11.25
CA GLY B 214 -13.31 -10.11 12.11
C GLY B 214 -12.93 -11.57 12.35
N LEU B 215 -11.75 -12.01 11.89
CA LEU B 215 -11.33 -13.39 12.01
C LEU B 215 -10.93 -13.78 13.41
N SER B 216 -11.14 -15.04 13.75
CA SER B 216 -10.64 -15.58 14.98
C SER B 216 -9.17 -15.94 14.83
N LYS B 217 -8.52 -16.13 15.98
CA LYS B 217 -7.12 -16.51 16.04
C LYS B 217 -6.85 -17.88 15.44
N ARG B 218 -7.88 -18.69 15.16
CA ARG B 218 -7.76 -19.99 14.53
C ARG B 218 -7.88 -19.91 13.00
N GLU B 219 -7.91 -18.69 12.46
CA GLU B 219 -8.21 -18.46 11.05
C GLU B 219 -7.10 -17.70 10.31
N TYR B 220 -5.96 -17.47 10.96
CA TYR B 220 -4.80 -16.91 10.24
C TYR B 220 -3.55 -17.42 10.95
N PHE B 221 -2.48 -17.55 10.17
CA PHE B 221 -1.28 -18.26 10.62
C PHE B 221 -0.08 -17.58 9.97
N VAL B 222 0.93 -17.29 10.77
CA VAL B 222 2.17 -16.69 10.28
C VAL B 222 3.33 -17.57 10.68
N PHE B 223 4.03 -18.08 9.67
CA PHE B 223 5.27 -18.84 9.86
C PHE B 223 6.38 -18.04 9.18
N ALA B 224 7.04 -17.20 9.97
CA ALA B 224 8.14 -16.39 9.49
C ALA B 224 9.45 -17.14 9.61
N ALA B 225 10.43 -16.79 8.79
CA ALA B 225 11.73 -17.43 8.90
C ALA B 225 12.84 -16.55 8.38
N THR B 226 14.04 -16.73 8.94
CA THR B 226 15.23 -16.12 8.40
C THR B 226 16.45 -16.94 8.86
N GLY B 227 17.61 -16.43 8.52
CA GLY B 227 18.88 -17.08 8.99
C GLY B 227 19.55 -16.23 10.05
N SER B 228 20.33 -16.88 10.89
CA SER B 228 21.01 -16.12 11.95
C SER B 228 22.11 -15.21 11.39
N GLU B 229 22.54 -15.49 10.18
CA GLU B 229 23.51 -14.66 9.45
C GLU B 229 22.91 -13.83 8.37
N ASP B 230 21.57 -13.68 8.40
CA ASP B 230 20.86 -12.94 7.39
C ASP B 230 20.59 -11.53 7.88
N ILE B 231 21.02 -10.54 7.07
CA ILE B 231 20.83 -9.15 7.44
C ILE B 231 19.40 -8.79 7.85
N ALA B 232 18.40 -9.49 7.30
CA ALA B 232 17.03 -9.23 7.66
C ALA B 232 16.67 -9.54 9.10
N TYR B 233 17.46 -10.38 9.77
CA TYR B 233 17.15 -10.76 11.13
C TYR B 233 17.06 -9.53 12.05
N ALA B 234 17.93 -8.55 11.82
CA ALA B 234 17.98 -7.39 12.70
C ALA B 234 16.69 -6.59 12.74
N ASN B 235 15.98 -6.52 11.61
CA ASN B 235 14.73 -5.81 11.55
C ASN B 235 13.56 -6.76 11.83
N MET B 236 13.67 -8.02 11.46
CA MET B 236 12.57 -8.94 11.75
C MET B 236 12.37 -9.24 13.22
N ASN B 237 13.47 -9.46 13.94
CA ASN B 237 13.31 -9.96 15.32
C ASN B 237 12.50 -9.00 16.21
N PRO B 238 12.81 -7.67 16.21
CA PRO B 238 11.97 -6.76 17.00
C PRO B 238 10.53 -6.74 16.63
N GLN B 239 10.24 -6.91 15.32
CA GLN B 239 8.84 -6.99 14.91
C GLN B 239 8.17 -8.24 15.43
N ILE B 240 8.86 -9.36 15.34
CA ILE B 240 8.32 -10.64 15.82
C ILE B 240 8.04 -10.54 17.34
N GLU B 241 8.98 -9.95 18.08
CA GLU B 241 8.76 -9.83 19.53
C GLU B 241 7.57 -8.96 19.86
N ALA B 242 7.40 -7.85 19.12
CA ALA B 242 6.23 -7.01 19.30
C ALA B 242 4.93 -7.75 18.98
N MET B 243 4.94 -8.52 17.90
CA MET B 243 3.79 -9.36 17.57
C MET B 243 3.45 -10.42 18.63
N LYS B 244 4.47 -11.03 19.20
CA LYS B 244 4.25 -12.04 20.23
C LYS B 244 3.48 -11.48 21.42
N ALA B 245 3.72 -10.20 21.71
CA ALA B 245 3.00 -9.55 22.81
C ALA B 245 1.52 -9.23 22.53
N LEU B 246 1.08 -9.31 21.29
CA LEU B 246 -0.32 -9.11 20.96
C LEU B 246 -1.16 -10.29 21.39
N PRO B 247 -2.39 -10.06 21.82
CA PRO B 247 -3.28 -11.20 22.08
C PRO B 247 -3.67 -11.95 20.81
N HIS B 248 -3.46 -11.32 19.65
CA HIS B 248 -3.87 -11.88 18.34
C HIS B 248 -3.02 -13.07 17.94
N PHE B 249 -1.90 -13.27 18.54
CA PHE B 249 -0.98 -14.34 18.19
C PHE B 249 -0.62 -15.21 19.36
N ASP B 250 -0.72 -16.53 19.15
CA ASP B 250 -0.34 -17.58 20.09
C ASP B 250 0.91 -18.27 19.51
N TYR B 251 2.07 -18.07 20.13
CA TYR B 251 3.33 -18.43 19.59
C TYR B 251 3.61 -19.92 19.80
N THR B 252 3.74 -20.65 18.71
CA THR B 252 4.05 -22.06 18.63
C THR B 252 4.00 -22.47 17.15
N SER B 253 4.82 -23.44 16.74
CA SER B 253 4.69 -24.03 15.41
C SER B 253 3.60 -25.08 15.32
N ASP B 254 3.01 -25.46 16.46
CA ASP B 254 1.89 -26.38 16.42
C ASP B 254 0.63 -25.63 16.14
N PHE B 255 0.27 -25.57 14.84
CA PHE B 255 -0.82 -24.76 14.39
C PHE B 255 -2.18 -25.40 14.70
N SER B 256 -2.17 -26.55 15.36
CA SER B 256 -3.42 -27.06 15.96
C SER B 256 -3.69 -26.37 17.28
N LYS B 257 -2.71 -25.67 17.84
N LYS B 257 -2.71 -25.63 17.84
CA LYS B 257 -2.86 -24.96 19.10
CA LYS B 257 -2.78 -24.96 19.16
C LYS B 257 -2.81 -23.47 18.90
C LYS B 257 -2.46 -23.47 19.17
N GLY B 258 -1.84 -22.99 18.10
CA GLY B 258 -1.59 -21.57 17.97
C GLY B 258 -1.36 -21.23 16.51
N ASN B 259 -0.75 -20.08 16.27
CA ASN B 259 -0.82 -19.47 14.95
C ASN B 259 0.39 -18.65 14.54
N PHE B 260 1.52 -18.76 15.21
CA PHE B 260 2.64 -17.83 14.96
C PHE B 260 3.95 -18.50 15.32
N TYR B 261 4.91 -18.46 14.42
CA TYR B 261 6.22 -19.01 14.67
C TYR B 261 7.26 -18.26 13.87
N PHE B 262 8.47 -18.22 14.38
CA PHE B 262 9.64 -17.61 13.74
C PHE B 262 10.83 -18.55 13.78
N LEU B 263 11.11 -19.13 12.65
CA LEU B 263 12.21 -20.09 12.51
C LEU B 263 13.48 -19.34 12.16
N VAL B 264 14.53 -19.56 12.94
CA VAL B 264 15.82 -18.93 12.69
C VAL B 264 16.84 -20.01 12.43
N ALA B 265 17.39 -20.00 11.24
CA ALA B 265 18.30 -21.06 10.79
C ALA B 265 19.76 -20.71 11.16
N PRO B 266 20.40 -21.50 12.03
CA PRO B 266 21.77 -21.14 12.45
C PRO B 266 22.75 -21.15 11.30
N GLY B 267 23.46 -20.04 11.14
CA GLY B 267 24.49 -19.91 10.14
C GLY B 267 24.10 -19.46 8.77
N ALA B 268 22.77 -19.41 8.53
CA ALA B 268 22.30 -19.18 7.18
C ALA B 268 22.31 -17.69 6.81
N THR B 269 22.73 -17.40 5.57
CA THR B 269 22.85 -16.07 5.05
C THR B 269 21.71 -15.72 4.09
N HIS B 270 21.69 -14.46 3.65
CA HIS B 270 20.64 -13.95 2.82
C HIS B 270 20.84 -14.38 1.38
N TRP B 271 20.38 -15.61 1.09
CA TRP B 271 20.68 -16.31 -0.15
C TRP B 271 19.63 -17.38 -0.32
N TRP B 272 19.06 -17.47 -1.53
CA TRP B 272 18.11 -18.54 -1.87
C TRP B 272 18.62 -19.93 -1.60
N GLY B 273 19.94 -20.15 -1.64
CA GLY B 273 20.51 -21.45 -1.33
C GLY B 273 20.06 -21.97 0.04
N TYR B 274 19.96 -21.06 1.02
CA TYR B 274 19.38 -21.37 2.31
C TYR B 274 17.87 -21.22 2.35
N VAL B 275 17.34 -20.13 1.78
CA VAL B 275 15.94 -19.79 1.99
C VAL B 275 15.00 -20.84 1.41
N ARG B 276 15.40 -21.52 0.34
CA ARG B 276 14.58 -22.60 -0.19
C ARG B 276 14.31 -23.66 0.87
N HIS B 277 15.29 -23.91 1.78
CA HIS B 277 15.09 -24.84 2.88
C HIS B 277 14.08 -24.40 3.91
N TYR B 278 13.90 -23.08 4.05
CA TYR B 278 12.87 -22.59 4.96
C TYR B 278 11.49 -23.00 4.46
N ILE B 279 11.32 -22.95 3.15
CA ILE B 279 10.06 -23.38 2.53
C ILE B 279 9.86 -24.86 2.70
N TYR B 280 10.93 -25.64 2.51
CA TYR B 280 10.87 -27.08 2.81
C TYR B 280 10.41 -27.31 4.24
N ASP B 281 10.93 -26.54 5.20
CA ASP B 281 10.61 -26.78 6.62
C ASP B 281 9.19 -26.31 6.95
N ALA B 282 8.77 -25.17 6.38
CA ALA B 282 7.55 -24.51 6.80
C ALA B 282 6.33 -24.91 5.99
N LEU B 283 6.48 -25.12 4.69
CA LEU B 283 5.29 -25.38 3.86
C LEU B 283 4.54 -26.63 4.30
N PRO B 284 5.19 -27.69 4.79
CA PRO B 284 4.43 -28.84 5.34
C PRO B 284 3.53 -28.51 6.53
N TYR B 285 3.74 -27.38 7.16
CA TYR B 285 2.92 -26.95 8.32
C TYR B 285 1.63 -26.27 7.88
N PHE B 286 1.47 -25.93 6.60
CA PHE B 286 0.33 -25.13 6.13
C PHE B 286 -0.84 -25.99 5.68
N PHE B 287 -2.02 -25.41 5.84
CA PHE B 287 -3.28 -25.85 5.24
C PHE B 287 -3.91 -27.06 5.87
N HIS B 288 -3.64 -27.34 7.13
CA HIS B 288 -4.30 -28.47 7.76
C HIS B 288 -5.44 -28.02 8.64
N GLU B 289 -5.49 -26.76 9.01
CA GLU B 289 -6.51 -26.28 9.95
C GLU B 289 -7.78 -26.02 9.15
N LEU B 290 -8.90 -26.65 9.56
CA LEU B 290 -10.17 -26.59 8.81
C LEU B 290 -9.95 -27.21 7.41
N GLU B 291 -9.07 -28.22 7.30
CA GLU B 291 -8.86 -28.87 6.02
C GLU B 291 -10.01 -29.87 5.74
N HIS B 292 -10.20 -30.21 4.49
CA HIS B 292 -11.32 -31.00 4.09
C HIS B 292 -11.02 -32.48 4.03
N HIS B 293 -9.77 -32.91 4.09
CA HIS B 293 -9.45 -34.33 4.21
C HIS B 293 -9.45 -34.69 5.72
N HIS B 294 -9.61 -35.97 6.01
CA HIS B 294 -9.57 -36.52 7.38
C HIS B 294 -8.16 -36.97 7.68
N HIS B 295 -7.39 -36.06 8.29
CA HIS B 295 -5.97 -36.30 8.60
C HIS B 295 -5.74 -36.11 10.10
N HIS B 296 -4.73 -36.81 10.62
CA HIS B 296 -4.30 -36.65 12.00
C HIS B 296 -2.89 -36.11 12.00
N HIS B 297 -2.72 -34.88 12.44
CA HIS B 297 -1.40 -34.26 12.50
C HIS B 297 -1.00 -33.98 13.94
C1 VXX C . -0.19 11.28 13.70
CO1 VXX C . 0.77 11.84 14.56
CO2 VXX C . 0.15 10.84 12.42
CM1 VXX C . 2.12 11.93 14.17
CM2 VXX C . 1.48 10.93 12.01
OM VXX C . 1.93 10.54 10.80
CZ VXX C . 2.49 11.49 12.90
CC VXX C . -1.57 11.18 14.16
CV VXX C . 1.04 9.90 9.86
O1 VXX C . -2.46 10.71 13.49
O2 VXX C . -1.78 11.61 15.50
O3 VXX C . 3.77 11.55 12.42
C9 VXX C . -3.05 11.42 16.08
C1 GOL D . -6.16 14.17 14.61
O1 GOL D . -5.20 13.27 14.11
C2 GOL D . -7.58 13.68 14.40
O2 GOL D . -7.77 13.41 13.09
C3 GOL D . -8.56 14.78 14.82
O3 GOL D . -8.51 15.87 13.91
C1 GOL E . -7.43 26.55 -13.84
O1 GOL E . -8.41 26.46 -14.91
C2 GOL E . -8.16 27.07 -12.58
O2 GOL E . -9.14 26.10 -12.12
C3 GOL E . -8.72 28.51 -12.79
O3 GOL E . -7.68 29.43 -13.18
C1 GOL F . -1.56 -0.10 -9.96
O1 GOL F . -2.91 0.44 -10.08
C2 GOL F . -0.91 0.12 -8.57
O2 GOL F . -1.59 -0.61 -7.49
C3 GOL F . -0.74 1.60 -8.15
O3 GOL F . -0.02 2.42 -9.11
C ACT G . -11.57 29.13 -15.79
O ACT G . -11.37 28.78 -16.96
OXT ACT G . -11.40 30.30 -15.39
CH3 ACT G . -12.03 28.09 -14.84
CD CD H . -16.14 36.64 0.57
CD CD I . -2.21 30.72 -12.25
CD CD J . 7.93 14.75 -18.58
CD CD K . -2.27 20.27 -19.02
CD CD L . -7.39 32.03 -18.60
CD CD M . -10.68 30.96 -17.66
CD CD N . -15.19 15.72 -16.48
CD CD O . 17.87 18.35 -3.34
CD CD P . 3.25 28.68 -15.25
CD CD Q . -15.61 -19.90 -12.24
C1 VXX R . 16.15 -6.76 2.84
CO1 VXX R . 17.06 -6.65 3.89
CO2 VXX R . 14.78 -6.57 3.04
CM1 VXX R . 16.63 -6.52 5.22
CM2 VXX R . 14.33 -6.43 4.33
OM VXX R . 13.04 -6.28 4.67
CZ VXX R . 15.27 -6.41 5.44
CC VXX R . 16.65 -6.86 1.44
CV VXX R . 11.96 -6.13 3.69
O1 VXX R . 15.91 -6.81 0.45
O2 VXX R . 18.07 -6.95 1.31
O3 VXX R . 14.78 -6.24 6.71
C9 VXX R . 18.61 -7.09 -0.02
C1 GOL S . 18.30 -10.66 -2.22
O1 GOL S . 17.40 -9.84 -1.55
C2 GOL S . 17.99 -10.71 -3.71
O2 GOL S . 16.64 -10.80 -3.95
C3 GOL S . 18.68 -11.85 -4.45
O3 GOL S . 18.23 -13.11 -4.03
C1 GOL T . -10.88 -25.04 -12.86
O1 GOL T . -11.87 -26.05 -13.00
C2 GOL T . -11.10 -24.20 -11.62
O2 GOL T . -11.33 -25.04 -10.49
C3 GOL T . -12.29 -23.27 -11.77
O3 GOL T . -12.41 -22.42 -10.61
C1 GOL U . -7.13 -3.93 -0.04
O1 GOL U . -8.02 -4.84 0.59
C2 GOL U . -7.86 -3.19 -1.12
O2 GOL U . -7.29 -1.98 -1.58
C3 GOL U . -9.34 -3.04 -1.04
O3 GOL U . -9.70 -3.54 -2.29
C1 GOL V . -5.61 -30.47 0.05
O1 GOL V . -6.55 -30.86 -0.97
C2 GOL V . -4.23 -30.74 -0.52
O2 GOL V . -3.99 -29.88 -1.66
C3 GOL V . -3.97 -32.27 -0.73
O3 GOL V . -4.16 -32.96 0.55
C ACT W . -6.41 -34.43 -3.24
O ACT W . -7.65 -34.35 -3.12
OXT ACT W . -5.74 -35.39 -2.79
CH3 ACT W . -5.70 -33.35 -3.96
CD CD X . 11.76 -38.01 -5.62
CD CD Y . -3.40 -32.42 6.20
CD CD Z . -14.57 -16.94 11.32
CD CD AA . -12.73 -24.66 3.33
CD CD BA . -8.82 -36.80 1.46
CD CD CA . -7.87 -36.36 -1.92
CD CD DA . -12.37 -23.93 -8.62
CD CD EA . -11.59 -26.18 4.81
CD CD FA . -7.22 -30.02 10.91
CD CD GA . 0.25 -13.24 22.18
#